data_5A9R
#
_entry.id   5A9R
#
_cell.length_a   75.580
_cell.length_b   89.620
_cell.length_c   91.480
_cell.angle_alpha   90.00
_cell.angle_beta   90.00
_cell.angle_gamma   90.00
#
_symmetry.space_group_name_H-M   'C 2 2 21'
#
loop_
_entity.id
_entity.type
_entity.pdbx_description
1 polymer 'IMINE REDUCTASE'
2 non-polymer 'ACETATE ION'
3 water water
#
_entity_poly.entity_id   1
_entity_poly.type   'polypeptide(L)'
_entity_poly.pdbx_seq_one_letter_code
;MTDQNLPVTVAGLGPMGSALAAALLDRGHDVTVWNRSPGKAAPLVAKGARQADDIVDAVSASRLLVVCLADYDALYSALG
PAREALRGRVVVNLNSGTPKEANEALRWAERHGTGYLDGAIMVPPAMVGHPGSVFLYSGSAEVFEEYKETLAGLGDPVHL
GTEAGLAVLYNTALLSMMYSSMNGFLHAAALVGSAGVPAAEFTKLAVDWFLPAVIGQIIKAEAPTIDEGVYPGDAGSLEM
NVTTLKHIIGTSQEQGVDTEIPVRNKELLDRAVAAGFGESSYYSVIELWR
;
_entity_poly.pdbx_strand_id   A
#
# COMPACT_ATOMS: atom_id res chain seq x y z
N ASN A 5 8.06 -14.71 21.53
CA ASN A 5 7.67 -14.28 22.85
C ASN A 5 8.40 -13.02 23.40
N LEU A 6 9.29 -12.43 22.61
CA LEU A 6 9.96 -11.25 23.10
C LEU A 6 8.93 -10.17 23.43
N PRO A 7 9.42 -9.22 24.28
CA PRO A 7 8.49 -8.14 24.59
C PRO A 7 8.34 -7.20 23.42
N VAL A 8 7.14 -6.68 23.20
CA VAL A 8 6.96 -5.66 22.12
C VAL A 8 6.06 -4.59 22.70
N THR A 9 6.28 -3.33 22.31
CA THR A 9 5.39 -2.24 22.64
C THR A 9 4.67 -1.79 21.38
N VAL A 10 3.36 -1.64 21.48
CA VAL A 10 2.58 -1.08 20.42
C VAL A 10 2.08 0.29 20.87
N ALA A 11 2.50 1.35 20.18
CA ALA A 11 2.08 2.73 20.43
C ALA A 11 1.05 3.14 19.38
N GLY A 12 -0.19 3.37 19.80
CA GLY A 12 -1.33 3.73 18.93
C GLY A 12 -2.31 2.58 18.83
N LEU A 13 -3.49 2.78 19.37
CA LEU A 13 -4.47 1.72 19.53
C LEU A 13 -5.74 2.01 18.74
N GLY A 14 -5.63 2.69 17.59
CA GLY A 14 -6.78 2.71 16.65
C GLY A 14 -7.04 1.35 16.09
N PRO A 15 -7.86 1.28 15.07
CA PRO A 15 -8.20 -0.03 14.56
C PRO A 15 -7.00 -0.91 14.11
N MET A 16 -6.09 -0.31 13.38
CA MET A 16 -4.92 -1.01 12.94
C MET A 16 -3.99 -1.32 14.13
N GLY A 17 -3.69 -0.33 14.94
CA GLY A 17 -2.81 -0.57 16.06
C GLY A 17 -3.31 -1.66 16.98
N SER A 18 -4.64 -1.67 17.23
CA SER A 18 -5.19 -2.74 18.03
C SER A 18 -5.08 -4.10 17.38
N ALA A 19 -5.31 -4.19 16.04
CA ALA A 19 -5.06 -5.43 15.36
C ALA A 19 -3.65 -5.92 15.44
N LEU A 20 -2.68 -4.99 15.38
CA LEU A 20 -1.31 -5.39 15.48
C LEU A 20 -1.01 -5.97 16.85
N ALA A 21 -1.49 -5.29 17.89
CA ALA A 21 -1.24 -5.75 19.26
C ALA A 21 -1.90 -7.13 19.48
N ALA A 22 -3.10 -7.27 18.97
CA ALA A 22 -3.78 -8.58 19.11
C ALA A 22 -3.09 -9.70 18.43
N ALA A 23 -2.60 -9.46 17.20
CA ALA A 23 -1.85 -10.46 16.48
C ALA A 23 -0.56 -10.85 17.20
N LEU A 24 0.14 -9.84 17.80
CA LEU A 24 1.36 -10.13 18.54
C LEU A 24 1.08 -10.96 19.81
N LEU A 25 0.01 -10.60 20.49
CA LEU A 25 -0.51 -11.39 21.67
C LEU A 25 -0.80 -12.83 21.26
N ASP A 26 -1.42 -13.01 20.09
CA ASP A 26 -1.76 -14.37 19.66
C ASP A 26 -0.48 -15.17 19.30
N ARG A 27 0.61 -14.52 18.89
CA ARG A 27 1.89 -15.22 18.69
C ARG A 27 2.70 -15.46 19.96
N GLY A 28 2.19 -15.09 21.13
CA GLY A 28 2.81 -15.28 22.42
C GLY A 28 3.80 -14.25 22.91
N HIS A 29 3.72 -13.06 22.34
CA HIS A 29 4.58 -11.92 22.78
C HIS A 29 4.06 -11.29 24.00
N ASP A 30 4.97 -10.72 24.80
CA ASP A 30 4.57 -9.94 25.95
C ASP A 30 4.39 -8.49 25.45
N VAL A 31 3.13 -8.13 25.19
CA VAL A 31 2.81 -6.88 24.53
C VAL A 31 2.40 -5.79 25.51
N THR A 32 3.10 -4.64 25.48
CA THR A 32 2.75 -3.48 26.24
C THR A 32 2.09 -2.46 25.25
N VAL A 33 0.99 -1.84 25.66
CA VAL A 33 0.22 -0.99 24.80
C VAL A 33 0.12 0.39 25.36
N TRP A 34 0.20 1.37 24.49
CA TRP A 34 0.06 2.77 24.78
C TRP A 34 -0.81 3.49 23.80
N ASN A 35 -1.57 4.48 24.28
CA ASN A 35 -2.32 5.38 23.43
C ASN A 35 -2.43 6.72 24.12
N ARG A 36 -2.50 7.80 23.35
CA ARG A 36 -2.51 9.09 24.03
C ARG A 36 -3.83 9.26 24.78
N SER A 37 -4.90 8.86 24.13
CA SER A 37 -6.24 8.98 24.74
C SER A 37 -6.70 7.68 25.36
N PRO A 38 -7.45 7.75 26.44
CA PRO A 38 -7.89 6.61 27.22
C PRO A 38 -9.08 5.89 26.58
N GLY A 39 -9.31 4.66 26.98
CA GLY A 39 -10.46 3.88 26.53
C GLY A 39 -10.29 2.82 25.51
N LYS A 40 -9.09 2.68 24.95
CA LYS A 40 -8.85 1.76 23.86
C LYS A 40 -8.12 0.52 24.27
N ALA A 41 -7.58 0.48 25.50
CA ALA A 41 -6.74 -0.63 25.97
C ALA A 41 -7.52 -1.85 26.45
N ALA A 42 -8.76 -1.68 26.91
CA ALA A 42 -9.42 -2.79 27.59
C ALA A 42 -9.55 -4.13 26.84
N PRO A 43 -9.96 -4.13 25.54
CA PRO A 43 -10.02 -5.42 24.84
C PRO A 43 -8.64 -6.12 24.70
N LEU A 44 -7.55 -5.32 24.59
CA LEU A 44 -6.20 -5.90 24.51
C LEU A 44 -5.70 -6.42 25.84
N VAL A 45 -6.01 -5.67 26.92
CA VAL A 45 -5.71 -6.08 28.28
C VAL A 45 -6.45 -7.40 28.55
N ALA A 46 -7.70 -7.51 28.15
CA ALA A 46 -8.40 -8.80 28.30
C ALA A 46 -7.70 -9.99 27.60
N LYS A 47 -6.93 -9.73 26.56
CA LYS A 47 -6.13 -10.75 25.86
C LYS A 47 -4.67 -10.88 26.34
N GLY A 48 -4.31 -10.15 27.39
CA GLY A 48 -3.07 -10.32 28.08
C GLY A 48 -2.11 -9.14 27.90
N ALA A 49 -2.55 -8.09 27.20
CA ALA A 49 -1.63 -6.91 27.06
C ALA A 49 -1.39 -6.24 28.42
N ARG A 50 -0.25 -5.61 28.56
CA ARG A 50 0.01 -4.67 29.65
C ARG A 50 -0.18 -3.22 29.20
N GLN A 51 -1.01 -2.48 29.87
CA GLN A 51 -1.20 -1.08 29.60
C GLN A 51 -0.07 -0.25 30.20
N ALA A 52 0.47 0.75 29.50
CA ALA A 52 1.39 1.72 30.08
C ALA A 52 0.88 3.10 29.72
N ASP A 53 0.48 3.89 30.71
CA ASP A 53 -0.10 5.20 30.46
C ASP A 53 1.01 6.21 29.97
N ASP A 54 2.17 6.08 30.54
CA ASP A 54 3.30 7.01 30.28
C ASP A 54 4.15 6.46 29.12
N ILE A 55 4.28 7.26 28.05
CA ILE A 55 5.13 6.81 26.89
C ILE A 55 6.52 6.45 27.30
N VAL A 56 7.07 7.09 28.34
CA VAL A 56 8.43 6.69 28.74
C VAL A 56 8.45 5.26 29.26
N ASP A 57 7.46 4.89 30.05
CA ASP A 57 7.31 3.54 30.54
C ASP A 57 7.05 2.56 29.39
N ALA A 58 6.18 2.94 28.46
CA ALA A 58 5.86 2.06 27.34
C ALA A 58 7.07 1.76 26.49
N VAL A 59 7.84 2.78 26.18
CA VAL A 59 9.10 2.66 25.36
C VAL A 59 10.14 1.83 26.16
N SER A 60 10.21 2.01 27.50
CA SER A 60 11.16 1.31 28.27
C SER A 60 10.91 -0.19 28.43
N ALA A 61 9.68 -0.64 28.15
CA ALA A 61 9.32 -2.03 28.32
C ALA A 61 9.87 -2.99 27.30
N SER A 62 10.23 -2.47 26.12
CA SER A 62 10.54 -3.30 24.97
C SER A 62 11.62 -2.63 24.14
N ARG A 63 12.44 -3.42 23.48
CA ARG A 63 13.34 -2.88 22.47
C ARG A 63 12.61 -2.60 21.18
N LEU A 64 11.64 -3.46 20.81
CA LEU A 64 10.87 -3.33 19.58
C LEU A 64 9.65 -2.49 19.83
N LEU A 65 9.58 -1.33 19.20
CA LEU A 65 8.49 -0.36 19.34
C LEU A 65 7.75 -0.33 17.99
N VAL A 66 6.56 -0.91 17.97
CA VAL A 66 5.69 -0.92 16.77
C VAL A 66 4.79 0.28 16.91
N VAL A 67 4.86 1.23 16.02
CA VAL A 67 4.23 2.53 16.12
C VAL A 67 3.16 2.63 15.02
N CYS A 68 1.91 2.87 15.37
CA CYS A 68 0.83 3.02 14.41
C CYS A 68 -0.07 4.17 14.96
N LEU A 69 0.41 5.37 14.73
CA LEU A 69 -0.29 6.53 15.28
C LEU A 69 -1.44 6.91 14.36
N ALA A 70 -2.32 7.80 14.81
CA ALA A 70 -3.34 8.34 13.93
C ALA A 70 -2.72 9.23 12.84
N ASP A 71 -3.44 9.43 11.73
CA ASP A 71 -2.95 10.24 10.62
C ASP A 71 -2.52 11.68 11.03
N TYR A 72 -3.23 12.27 11.98
CA TYR A 72 -2.96 13.66 12.35
C TYR A 72 -1.69 13.77 13.20
N ASP A 73 -1.17 12.63 13.72
CA ASP A 73 -0.19 12.67 14.80
C ASP A 73 1.20 12.56 14.14
N ALA A 74 2.29 12.74 14.89
CA ALA A 74 3.62 12.61 14.32
C ALA A 74 4.50 11.90 15.34
N LEU A 75 5.40 11.09 14.84
CA LEU A 75 6.33 10.33 15.67
C LEU A 75 7.08 11.21 16.66
N TYR A 76 7.64 12.34 16.16
CA TYR A 76 8.42 13.23 17.00
C TYR A 76 7.68 13.76 18.17
N SER A 77 6.38 13.88 18.01
CA SER A 77 5.56 14.41 19.08
C SER A 77 5.12 13.28 20.04
N ALA A 78 4.56 12.20 19.49
CA ALA A 78 4.09 11.12 20.35
C ALA A 78 5.23 10.55 21.21
N LEU A 79 6.40 10.34 20.61
CA LEU A 79 7.47 9.72 21.31
C LEU A 79 8.50 10.72 21.84
N GLY A 80 8.30 12.00 21.63
CA GLY A 80 9.19 13.06 22.12
C GLY A 80 9.50 13.00 23.59
N PRO A 81 8.48 12.79 24.42
CA PRO A 81 8.81 12.75 25.88
C PRO A 81 9.69 11.60 26.28
N ALA A 82 9.79 10.61 25.42
CA ALA A 82 10.63 9.36 25.66
C ALA A 82 11.93 9.44 24.89
N ARG A 83 12.36 10.65 24.51
CA ARG A 83 13.53 10.82 23.66
C ARG A 83 14.77 10.14 24.26
N GLU A 84 15.04 10.34 25.54
CA GLU A 84 16.22 9.71 26.17
C GLU A 84 16.08 8.13 26.18
N ALA A 85 14.89 7.65 26.50
CA ALA A 85 14.70 6.22 26.62
C ALA A 85 14.77 5.51 25.28
N LEU A 86 14.63 6.27 24.19
CA LEU A 86 14.63 5.67 22.87
C LEU A 86 15.97 5.17 22.43
N ARG A 87 17.08 5.63 23.07
CA ARG A 87 18.40 5.23 22.61
C ARG A 87 18.56 3.71 22.76
N GLY A 88 19.05 3.03 21.73
CA GLY A 88 19.23 1.63 21.75
C GLY A 88 17.97 0.75 21.51
N ARG A 89 16.90 1.41 21.13
CA ARG A 89 15.65 0.74 20.83
C ARG A 89 15.41 0.93 19.33
N VAL A 90 14.34 0.28 18.87
CA VAL A 90 14.01 0.21 17.45
C VAL A 90 12.59 0.58 17.22
N VAL A 91 12.37 1.43 16.24
CA VAL A 91 11.02 1.85 15.81
C VAL A 91 10.67 1.23 14.47
N VAL A 92 9.52 0.54 14.44
CA VAL A 92 8.90 0.08 13.19
C VAL A 92 7.64 0.89 13.05
N ASN A 93 7.62 1.86 12.15
CA ASN A 93 6.56 2.79 12.01
C ASN A 93 5.67 2.40 10.87
N LEU A 94 4.42 2.09 11.18
CA LEU A 94 3.48 1.57 10.23
C LEU A 94 2.38 2.53 9.73
N ASN A 95 2.56 3.81 9.98
CA ASN A 95 1.61 4.78 9.52
C ASN A 95 2.17 6.14 9.14
N SER A 96 3.23 6.18 8.36
CA SER A 96 3.77 7.41 7.85
C SER A 96 2.80 7.91 6.78
N GLY A 97 2.65 9.19 6.63
CA GLY A 97 1.64 9.68 5.71
C GLY A 97 2.18 9.83 4.31
N THR A 98 3.43 10.24 4.20
CA THR A 98 4.08 10.55 2.94
C THR A 98 5.50 10.03 2.99
N PRO A 99 6.12 9.84 1.85
CA PRO A 99 7.54 9.47 1.84
C PRO A 99 8.40 10.48 2.56
N LYS A 100 8.09 11.77 2.48
CA LYS A 100 8.93 12.77 3.13
C LYS A 100 8.74 12.62 4.65
N GLU A 101 7.54 12.34 5.16
CA GLU A 101 7.37 12.16 6.60
C GLU A 101 8.18 10.95 7.05
N ALA A 102 8.21 9.85 6.28
CA ALA A 102 9.02 8.70 6.67
C ALA A 102 10.48 9.08 6.70
N ASN A 103 10.95 9.81 5.68
CA ASN A 103 12.37 10.18 5.68
C ASN A 103 12.69 11.09 6.89
N GLU A 104 11.83 12.01 7.25
CA GLU A 104 12.00 12.90 8.49
C GLU A 104 12.05 12.03 9.72
N ALA A 105 11.14 11.06 9.78
CA ALA A 105 11.11 10.20 10.97
C ALA A 105 12.38 9.39 11.14
N LEU A 106 12.90 8.82 10.06
CA LEU A 106 14.16 8.08 10.16
C LEU A 106 15.27 8.99 10.71
N ARG A 107 15.36 10.20 10.17
CA ARG A 107 16.39 11.21 10.68
C ARG A 107 16.18 11.50 12.13
N TRP A 108 14.94 11.64 12.59
CA TRP A 108 14.66 11.91 13.99
C TRP A 108 15.11 10.75 14.85
N ALA A 109 14.78 9.52 14.43
CA ALA A 109 15.16 8.35 15.13
C ALA A 109 16.66 8.21 15.22
N GLU A 110 17.39 8.38 14.13
CA GLU A 110 18.85 8.35 14.09
C GLU A 110 19.45 9.32 15.12
N ARG A 111 18.91 10.52 15.21
CA ARG A 111 19.39 11.53 16.20
C ARG A 111 19.33 11.03 17.60
N HIS A 112 18.33 10.21 17.89
CA HIS A 112 18.13 9.65 19.23
C HIS A 112 18.77 8.32 19.47
N GLY A 113 19.57 7.83 18.50
CA GLY A 113 20.17 6.54 18.61
C GLY A 113 19.21 5.34 18.52
N THR A 114 18.14 5.52 17.70
CA THR A 114 17.10 4.51 17.52
C THR A 114 17.13 3.96 16.12
N GLY A 115 17.04 2.66 16.01
CA GLY A 115 16.92 2.05 14.69
C GLY A 115 15.55 2.32 14.13
N TYR A 116 15.46 2.39 12.82
CA TYR A 116 14.21 2.74 12.18
C TYR A 116 13.87 1.94 10.95
N LEU A 117 12.64 1.44 10.89
CA LEU A 117 12.12 0.79 9.69
C LEU A 117 10.68 1.31 9.46
N ASP A 118 10.34 1.71 8.23
CA ASP A 118 9.02 2.21 7.90
C ASP A 118 8.31 1.07 7.21
N GLY A 119 7.02 0.89 7.47
CA GLY A 119 6.34 -0.20 6.80
C GLY A 119 4.91 0.19 6.41
N ALA A 120 4.48 -0.43 5.33
CA ALA A 120 3.13 -0.25 4.82
C ALA A 120 2.40 -1.55 4.85
N ILE A 121 1.24 -1.51 5.51
CA ILE A 121 0.42 -2.70 5.71
C ILE A 121 -0.52 -2.85 4.51
N MET A 122 -0.44 -4.00 3.85
CA MET A 122 -1.15 -4.12 2.54
C MET A 122 -2.47 -4.85 2.63
N VAL A 123 -3.03 -4.95 3.81
CA VAL A 123 -4.30 -5.59 4.07
C VAL A 123 -5.05 -4.84 5.17
N PRO A 124 -6.39 -5.04 5.28
CA PRO A 124 -7.10 -4.38 6.36
C PRO A 124 -6.76 -5.01 7.74
N PRO A 125 -7.10 -4.30 8.79
CA PRO A 125 -6.81 -4.82 10.15
C PRO A 125 -7.21 -6.22 10.40
N ALA A 126 -8.42 -6.62 9.93
CA ALA A 126 -8.85 -8.02 10.16
C ALA A 126 -8.02 -9.09 9.55
N MET A 127 -7.19 -8.77 8.54
CA MET A 127 -6.36 -9.77 7.98
C MET A 127 -4.93 -9.80 8.50
N VAL A 128 -4.55 -8.83 9.35
CA VAL A 128 -3.21 -8.90 9.98
C VAL A 128 -3.05 -10.22 10.70
N GLY A 129 -1.93 -10.89 10.55
CA GLY A 129 -1.59 -12.14 11.22
C GLY A 129 -2.10 -13.42 10.53
N HIS A 130 -2.76 -13.25 9.40
CA HIS A 130 -3.41 -14.36 8.66
C HIS A 130 -2.72 -14.54 7.33
N PRO A 131 -2.84 -15.74 6.76
CA PRO A 131 -2.35 -15.96 5.40
C PRO A 131 -2.82 -14.92 4.38
N GLY A 132 -1.86 -14.46 3.60
CA GLY A 132 -2.13 -13.43 2.60
C GLY A 132 -1.68 -12.04 3.02
N SER A 133 -1.55 -11.86 4.34
CA SER A 133 -1.08 -10.60 4.86
C SER A 133 0.33 -10.40 4.40
N VAL A 134 0.56 -9.18 3.87
CA VAL A 134 1.89 -8.72 3.35
C VAL A 134 2.14 -7.34 3.92
N PHE A 135 3.37 -7.14 4.43
CA PHE A 135 3.82 -5.80 4.87
C PHE A 135 5.05 -5.48 4.11
N LEU A 136 5.11 -4.28 3.49
CA LEU A 136 6.28 -3.79 2.74
C LEU A 136 7.07 -2.86 3.66
N TYR A 137 8.39 -3.04 3.71
CA TYR A 137 9.25 -2.30 4.61
C TYR A 137 10.37 -1.57 3.89
N SER A 138 10.79 -0.45 4.44
CA SER A 138 11.90 0.35 3.89
C SER A 138 12.68 0.90 5.08
N GLY A 139 14.00 1.05 4.95
CA GLY A 139 14.74 1.57 6.11
C GLY A 139 15.83 0.57 6.43
N SER A 140 16.15 0.49 7.70
CA SER A 140 17.32 -0.29 8.16
C SER A 140 17.21 -1.74 7.84
N ALA A 141 18.14 -2.26 7.04
CA ALA A 141 18.29 -3.73 6.87
C ALA A 141 18.64 -4.49 8.11
N GLU A 142 19.34 -3.84 9.04
CA GLU A 142 19.70 -4.49 10.29
C GLU A 142 18.47 -4.76 11.09
N VAL A 143 17.59 -3.75 11.23
CA VAL A 143 16.34 -3.94 11.95
C VAL A 143 15.51 -5.01 11.29
N PHE A 144 15.38 -4.92 9.95
CA PHE A 144 14.61 -5.89 9.21
C PHE A 144 15.12 -7.32 9.55
N GLU A 145 16.45 -7.51 9.43
CA GLU A 145 16.98 -8.85 9.69
C GLU A 145 16.85 -9.27 11.15
N GLU A 146 17.08 -8.36 12.08
CA GLU A 146 16.92 -8.72 13.52
C GLU A 146 15.52 -9.17 13.87
N TYR A 147 14.49 -8.49 13.30
CA TYR A 147 13.13 -8.72 13.71
C TYR A 147 12.23 -9.37 12.65
N LYS A 148 12.85 -9.86 11.56
CA LYS A 148 12.08 -10.52 10.43
C LYS A 148 11.13 -11.59 10.96
N GLU A 149 11.62 -12.48 11.85
CA GLU A 149 10.79 -13.62 12.32
C GLU A 149 9.62 -13.10 13.15
N THR A 150 9.82 -12.07 13.98
CA THR A 150 8.75 -11.50 14.72
C THR A 150 7.75 -10.83 13.79
N LEU A 151 8.26 -10.08 12.82
CA LEU A 151 7.42 -9.32 11.90
C LEU A 151 6.62 -10.29 11.00
N ALA A 152 7.21 -11.44 10.70
CA ALA A 152 6.51 -12.44 9.87
C ALA A 152 5.25 -12.96 10.52
N GLY A 153 5.11 -12.83 11.84
CA GLY A 153 3.81 -13.10 12.47
C GLY A 153 2.66 -12.22 12.13
N LEU A 154 2.94 -10.99 11.66
CA LEU A 154 1.96 -10.04 11.21
C LEU A 154 1.57 -10.13 9.71
N GLY A 155 2.54 -10.52 8.91
CA GLY A 155 2.43 -10.69 7.47
C GLY A 155 3.73 -10.97 6.83
N ASP A 156 3.72 -11.46 5.58
CA ASP A 156 4.94 -11.72 4.90
C ASP A 156 5.74 -10.45 4.78
N PRO A 157 6.99 -10.42 5.31
CA PRO A 157 7.75 -9.17 5.32
C PRO A 157 8.61 -9.05 4.10
N VAL A 158 8.54 -7.90 3.44
CA VAL A 158 9.30 -7.63 2.25
C VAL A 158 10.13 -6.39 2.47
N HIS A 159 11.46 -6.47 2.32
CA HIS A 159 12.30 -5.33 2.40
C HIS A 159 12.58 -4.74 1.05
N LEU A 160 12.11 -3.54 0.84
CA LEU A 160 12.24 -2.85 -0.48
C LEU A 160 13.54 -2.15 -0.73
N GLY A 161 14.24 -1.70 0.29
CA GLY A 161 15.34 -0.80 0.16
C GLY A 161 15.61 -0.07 1.45
N THR A 162 16.76 0.62 1.50
CA THR A 162 17.11 1.42 2.66
C THR A 162 16.53 2.81 2.76
N GLU A 163 15.98 3.37 1.70
CA GLU A 163 15.40 4.70 1.77
C GLU A 163 14.05 4.66 2.49
N ALA A 164 13.87 5.44 3.53
CA ALA A 164 12.75 5.20 4.44
C ALA A 164 11.42 5.41 3.76
N GLY A 165 11.34 6.31 2.78
CA GLY A 165 10.03 6.62 2.13
C GLY A 165 9.59 5.61 1.09
N LEU A 166 10.34 4.55 0.81
CA LEU A 166 9.99 3.67 -0.29
C LEU A 166 8.72 2.88 -0.05
N ALA A 167 8.48 2.42 1.18
CA ALA A 167 7.31 1.63 1.46
C ALA A 167 6.04 2.47 1.28
N VAL A 168 5.99 3.73 1.76
CA VAL A 168 4.83 4.59 1.56
C VAL A 168 4.66 4.87 0.03
N LEU A 169 5.76 5.01 -0.67
CA LEU A 169 5.68 5.27 -2.10
C LEU A 169 5.07 4.06 -2.84
N TYR A 170 5.60 2.86 -2.54
CA TYR A 170 5.07 1.62 -3.16
C TYR A 170 3.62 1.47 -2.81
N ASN A 171 3.26 1.67 -1.55
CA ASN A 171 1.83 1.53 -1.20
C ASN A 171 0.97 2.50 -1.96
N THR A 172 1.41 3.75 -2.04
CA THR A 172 0.64 4.76 -2.78
C THR A 172 0.44 4.29 -4.23
N ALA A 173 1.54 3.85 -4.82
CA ALA A 173 1.52 3.43 -6.23
C ALA A 173 0.55 2.28 -6.44
N LEU A 174 0.71 1.24 -5.61
CA LEU A 174 -0.15 0.05 -5.73
C LEU A 174 -1.61 0.39 -5.50
N LEU A 175 -1.89 1.25 -4.55
CA LEU A 175 -3.30 1.68 -4.31
C LEU A 175 -3.83 2.49 -5.48
N SER A 176 -3.02 3.31 -6.10
CA SER A 176 -3.45 4.09 -7.28
C SER A 176 -3.87 3.16 -8.39
N MET A 177 -3.00 2.15 -8.59
CA MET A 177 -3.31 1.10 -9.60
C MET A 177 -4.58 0.36 -9.28
N MET A 178 -4.80 0.01 -8.00
CA MET A 178 -6.00 -0.67 -7.56
C MET A 178 -7.27 0.11 -7.93
N TYR A 179 -7.29 1.42 -7.59
CA TYR A 179 -8.54 2.18 -7.84
C TYR A 179 -8.85 2.26 -9.34
N SER A 180 -7.84 2.47 -10.18
CA SER A 180 -8.06 2.49 -11.59
C SER A 180 -8.57 1.13 -12.14
N SER A 181 -7.92 0.08 -11.65
CA SER A 181 -8.31 -1.30 -12.09
C SER A 181 -9.69 -1.67 -11.67
N MET A 182 -10.11 -1.31 -10.42
CA MET A 182 -11.41 -1.58 -9.91
C MET A 182 -12.47 -0.79 -10.69
N ASN A 183 -12.14 0.47 -11.03
CA ASN A 183 -13.09 1.23 -11.82
C ASN A 183 -13.28 0.65 -13.22
N GLY A 184 -12.19 0.13 -13.78
CA GLY A 184 -12.30 -0.60 -15.06
C GLY A 184 -13.13 -1.83 -14.94
N PHE A 185 -12.95 -2.60 -13.84
CA PHE A 185 -13.80 -3.74 -13.66
C PHE A 185 -15.27 -3.42 -13.52
N LEU A 186 -15.58 -2.31 -12.79
CA LEU A 186 -16.94 -1.89 -12.61
C LEU A 186 -17.63 -1.45 -13.90
N HIS A 187 -16.87 -0.79 -14.80
CA HIS A 187 -17.45 -0.46 -16.10
C HIS A 187 -17.71 -1.71 -16.94
N ALA A 188 -16.76 -2.65 -16.86
CA ALA A 188 -16.91 -3.94 -17.55
C ALA A 188 -18.14 -4.69 -17.03
N ALA A 189 -18.26 -4.76 -15.71
CA ALA A 189 -19.42 -5.36 -15.11
C ALA A 189 -20.72 -4.75 -15.45
N ALA A 190 -20.77 -3.41 -15.51
CA ALA A 190 -21.96 -2.71 -15.99
C ALA A 190 -22.31 -3.10 -17.44
N LEU A 191 -21.28 -3.17 -18.26
CA LEU A 191 -21.47 -3.56 -19.66
C LEU A 191 -22.03 -4.96 -19.84
N VAL A 192 -21.46 -5.98 -19.17
CA VAL A 192 -22.06 -7.30 -19.32
C VAL A 192 -23.37 -7.41 -18.55
N GLY A 193 -23.50 -6.61 -17.52
CA GLY A 193 -24.74 -6.55 -16.74
C GLY A 193 -25.96 -6.04 -17.50
N SER A 194 -25.71 -5.24 -18.53
CA SER A 194 -26.77 -4.74 -19.38
C SER A 194 -27.33 -5.85 -20.24
N ALA A 195 -26.70 -7.04 -20.33
CA ALA A 195 -27.22 -8.19 -21.00
C ALA A 195 -27.62 -9.30 -20.03
N GLY A 196 -27.66 -8.95 -18.75
CA GLY A 196 -28.08 -9.82 -17.74
C GLY A 196 -27.04 -10.68 -17.10
N VAL A 197 -25.73 -10.46 -17.34
CA VAL A 197 -24.70 -11.33 -16.82
C VAL A 197 -24.37 -10.81 -15.41
N PRO A 198 -24.53 -11.63 -14.36
CA PRO A 198 -24.13 -11.23 -13.02
C PRO A 198 -22.65 -10.97 -12.90
N ALA A 199 -22.33 -10.01 -12.05
CA ALA A 199 -20.95 -9.69 -11.82
C ALA A 199 -20.10 -10.87 -11.32
N ALA A 200 -20.73 -11.67 -10.42
CA ALA A 200 -19.98 -12.81 -9.91
C ALA A 200 -19.69 -13.85 -10.98
N GLU A 201 -20.61 -14.03 -11.96
CA GLU A 201 -20.35 -14.85 -13.12
C GLU A 201 -19.21 -14.33 -13.99
N PHE A 202 -19.26 -13.03 -14.20
CA PHE A 202 -18.30 -12.35 -15.04
C PHE A 202 -16.89 -12.50 -14.48
N THR A 203 -16.74 -12.54 -13.15
CA THR A 203 -15.40 -12.69 -12.62
C THR A 203 -14.66 -13.97 -13.00
N LYS A 204 -15.39 -15.01 -13.39
CA LYS A 204 -14.76 -16.23 -13.81
C LYS A 204 -13.82 -16.01 -15.00
N LEU A 205 -14.28 -15.29 -16.02
CA LEU A 205 -13.40 -14.93 -17.10
C LEU A 205 -12.54 -13.69 -16.82
N ALA A 206 -13.14 -12.71 -16.15
CA ALA A 206 -12.45 -11.44 -16.00
C ALA A 206 -11.29 -11.46 -15.03
N VAL A 207 -11.47 -12.16 -13.93
CA VAL A 207 -10.44 -12.23 -12.89
C VAL A 207 -9.62 -13.51 -12.91
N ASP A 208 -10.31 -14.67 -13.10
CA ASP A 208 -9.50 -15.89 -13.06
C ASP A 208 -8.63 -16.09 -14.28
N TRP A 209 -9.02 -15.51 -15.44
CA TRP A 209 -8.25 -15.57 -16.61
C TRP A 209 -7.70 -14.20 -17.08
N PHE A 210 -8.60 -13.29 -17.43
CA PHE A 210 -8.15 -12.09 -18.18
C PHE A 210 -7.13 -11.24 -17.39
N LEU A 211 -7.45 -11.02 -16.12
CA LEU A 211 -6.59 -10.16 -15.34
C LEU A 211 -5.16 -10.58 -15.31
N PRO A 212 -4.85 -11.84 -14.89
CA PRO A 212 -3.47 -12.24 -14.96
C PRO A 212 -2.90 -12.58 -16.34
N ALA A 213 -3.69 -13.28 -17.14
CA ALA A 213 -3.16 -13.82 -18.37
C ALA A 213 -3.08 -12.83 -19.51
N VAL A 214 -3.90 -11.78 -19.47
CA VAL A 214 -3.86 -10.78 -20.47
C VAL A 214 -3.31 -9.47 -19.94
N ILE A 215 -4.01 -8.89 -18.97
CA ILE A 215 -3.57 -7.59 -18.41
C ILE A 215 -2.18 -7.70 -17.78
N GLY A 216 -1.99 -8.68 -16.93
CA GLY A 216 -0.71 -8.82 -16.29
C GLY A 216 0.42 -9.14 -17.21
N GLN A 217 0.15 -10.06 -18.15
CA GLN A 217 1.16 -10.47 -19.13
CA GLN A 217 1.21 -10.44 -19.07
C GLN A 217 1.57 -9.32 -20.03
N ILE A 218 0.61 -8.47 -20.45
CA ILE A 218 0.89 -7.36 -21.27
C ILE A 218 1.76 -6.33 -20.50
N ILE A 219 1.43 -6.04 -19.24
CA ILE A 219 2.22 -5.14 -18.46
C ILE A 219 3.68 -5.69 -18.34
N LYS A 220 3.80 -6.96 -18.03
CA LYS A 220 5.21 -7.53 -17.93
C LYS A 220 5.93 -7.47 -19.21
N ALA A 221 5.25 -7.76 -20.30
CA ALA A 221 5.84 -7.73 -21.66
C ALA A 221 6.20 -6.30 -22.07
N GLU A 222 5.58 -5.25 -21.48
CA GLU A 222 5.80 -3.88 -21.85
C GLU A 222 6.70 -3.03 -20.92
N ALA A 223 6.93 -3.54 -19.73
CA ALA A 223 7.68 -2.76 -18.74
C ALA A 223 9.12 -2.42 -19.19
N PRO A 224 9.85 -3.34 -19.81
CA PRO A 224 11.18 -2.94 -20.28
C PRO A 224 11.16 -1.86 -21.34
N THR A 225 10.10 -1.84 -22.17
CA THR A 225 9.92 -0.71 -23.08
C THR A 225 9.79 0.64 -22.41
N ILE A 226 9.07 0.72 -21.25
CA ILE A 226 9.04 1.96 -20.53
C ILE A 226 10.38 2.39 -20.08
N ASP A 227 11.14 1.45 -19.55
CA ASP A 227 12.47 1.82 -19.04
C ASP A 227 13.46 2.27 -20.15
N GLU A 228 13.29 1.72 -21.34
CA GLU A 228 14.08 2.10 -22.49
C GLU A 228 13.75 3.51 -22.93
N GLY A 229 12.44 3.84 -22.88
CA GLY A 229 12.02 5.24 -23.11
C GLY A 229 11.82 5.75 -24.54
N VAL A 230 11.79 4.86 -25.50
CA VAL A 230 11.61 5.20 -26.96
C VAL A 230 10.22 4.97 -27.47
N TYR A 231 9.61 3.85 -27.08
CA TYR A 231 8.20 3.49 -27.37
C TYR A 231 7.89 3.40 -28.90
N PRO A 232 8.70 2.64 -29.64
CA PRO A 232 8.36 2.45 -31.09
C PRO A 232 6.96 1.91 -31.27
N GLY A 233 6.21 2.53 -32.17
CA GLY A 233 4.83 2.09 -32.41
C GLY A 233 4.64 1.15 -33.59
N ASP A 234 5.73 0.64 -34.15
CA ASP A 234 5.70 -0.22 -35.34
C ASP A 234 4.66 -1.29 -35.29
N ALA A 235 4.66 -2.07 -34.22
CA ALA A 235 3.75 -3.19 -34.03
C ALA A 235 2.41 -2.86 -33.34
N GLY A 236 2.15 -1.58 -33.06
CA GLY A 236 0.83 -1.12 -32.60
C GLY A 236 1.00 0.23 -31.94
N SER A 237 0.21 1.21 -32.38
CA SER A 237 0.38 2.59 -32.00
C SER A 237 -0.62 3.10 -30.98
N LEU A 238 -0.28 4.20 -30.31
CA LEU A 238 -1.21 4.91 -29.45
C LEU A 238 -2.52 5.34 -30.18
N GLU A 239 -2.38 5.91 -31.36
CA GLU A 239 -3.51 6.20 -32.27
C GLU A 239 -4.47 5.06 -32.53
N MET A 240 -3.99 3.86 -32.77
CA MET A 240 -4.80 2.74 -33.01
C MET A 240 -5.63 2.40 -31.76
N ASN A 241 -5.03 2.62 -30.57
CA ASN A 241 -5.83 2.34 -29.38
C ASN A 241 -6.94 3.36 -29.15
N VAL A 242 -6.76 4.57 -29.66
CA VAL A 242 -7.82 5.59 -29.70
C VAL A 242 -9.04 5.05 -30.46
N THR A 243 -8.83 4.37 -31.59
CA THR A 243 -9.91 3.79 -32.33
C THR A 243 -10.62 2.72 -31.51
N THR A 244 -9.84 1.85 -30.84
CA THR A 244 -10.48 0.84 -29.99
C THR A 244 -11.36 1.47 -28.92
N LEU A 245 -10.86 2.51 -28.29
CA LEU A 245 -11.64 3.21 -27.25
C LEU A 245 -12.89 3.87 -27.85
N LYS A 246 -12.78 4.44 -29.07
CA LYS A 246 -14.05 4.89 -29.72
C LYS A 246 -15.10 3.81 -29.90
N HIS A 247 -14.69 2.60 -30.30
CA HIS A 247 -15.60 1.46 -30.43
C HIS A 247 -16.20 1.08 -29.05
N ILE A 248 -15.36 1.02 -28.02
CA ILE A 248 -15.87 0.77 -26.65
C ILE A 248 -16.94 1.78 -26.26
N ILE A 249 -16.66 3.04 -26.49
CA ILE A 249 -17.65 4.13 -26.21
C ILE A 249 -18.93 3.85 -26.98
N GLY A 250 -18.84 3.59 -28.29
CA GLY A 250 -20.10 3.34 -29.03
C GLY A 250 -20.89 2.14 -28.59
N THR A 251 -20.22 1.02 -28.31
CA THR A 251 -20.87 -0.14 -27.71
C THR A 251 -21.52 0.19 -26.37
N SER A 252 -20.80 0.92 -25.50
CA SER A 252 -21.38 1.30 -24.22
CA SER A 252 -21.38 1.34 -24.22
C SER A 252 -22.69 2.13 -24.43
N GLN A 253 -22.67 3.05 -25.39
CA GLN A 253 -23.81 3.87 -25.66
C GLN A 253 -24.99 3.05 -26.16
N GLU A 254 -24.72 2.08 -27.03
CA GLU A 254 -25.78 1.21 -27.54
C GLU A 254 -26.40 0.35 -26.45
N GLN A 255 -25.61 -0.04 -25.46
CA GLN A 255 -26.10 -0.83 -24.32
C GLN A 255 -26.73 0.00 -23.24
N GLY A 256 -26.73 1.31 -23.40
CA GLY A 256 -27.23 2.17 -22.34
C GLY A 256 -26.43 2.29 -21.09
N VAL A 257 -25.11 2.09 -21.19
CA VAL A 257 -24.17 2.12 -20.11
C VAL A 257 -23.35 3.39 -20.16
N ASP A 258 -23.14 4.02 -19.01
CA ASP A 258 -22.46 5.32 -18.90
C ASP A 258 -21.09 5.23 -19.50
N THR A 259 -20.65 6.26 -20.19
CA THR A 259 -19.41 6.18 -20.97
C THR A 259 -18.26 6.90 -20.30
N GLU A 260 -18.43 7.36 -19.05
CA GLU A 260 -17.36 8.16 -18.42
C GLU A 260 -16.01 7.50 -18.40
N ILE A 261 -16.00 6.21 -17.99
CA ILE A 261 -14.70 5.53 -17.91
C ILE A 261 -13.93 5.47 -19.22
N PRO A 262 -14.54 4.93 -20.31
CA PRO A 262 -13.85 4.93 -21.58
C PRO A 262 -13.58 6.32 -22.13
N VAL A 263 -14.50 7.29 -21.92
CA VAL A 263 -14.26 8.64 -22.39
C VAL A 263 -13.02 9.25 -21.75
N ARG A 264 -12.88 9.11 -20.45
CA ARG A 264 -11.70 9.64 -19.71
C ARG A 264 -10.45 8.94 -20.19
N ASN A 265 -10.53 7.62 -20.45
CA ASN A 265 -9.41 6.93 -21.05
C ASN A 265 -9.01 7.44 -22.42
N LYS A 266 -9.99 7.71 -23.24
CA LYS A 266 -9.72 8.20 -24.59
C LYS A 266 -9.15 9.60 -24.52
N GLU A 267 -9.61 10.38 -23.55
CA GLU A 267 -9.12 11.79 -23.38
C GLU A 267 -7.63 11.81 -23.17
N LEU A 268 -7.21 10.90 -22.29
CA LEU A 268 -5.81 10.76 -21.97
C LEU A 268 -5.02 10.46 -23.24
N LEU A 269 -5.47 9.54 -24.10
CA LEU A 269 -4.78 9.25 -25.32
C LEU A 269 -4.79 10.43 -26.32
N ASP A 270 -5.89 11.11 -26.38
CA ASP A 270 -5.97 12.32 -27.23
C ASP A 270 -4.90 13.37 -26.87
N ARG A 271 -4.72 13.61 -25.58
CA ARG A 271 -3.64 14.47 -25.12
C ARG A 271 -2.24 14.02 -25.54
N ALA A 272 -1.96 12.73 -25.42
CA ALA A 272 -0.71 12.20 -25.93
C ALA A 272 -0.57 12.36 -27.46
N VAL A 273 -1.67 12.17 -28.20
CA VAL A 273 -1.64 12.40 -29.64
C VAL A 273 -1.34 13.88 -29.92
N ALA A 274 -1.98 14.76 -29.18
CA ALA A 274 -1.76 16.23 -29.34
C ALA A 274 -0.36 16.63 -28.91
N ALA A 275 0.26 15.88 -28.00
CA ALA A 275 1.67 16.10 -27.67
C ALA A 275 2.65 15.43 -28.65
N GLY A 276 2.19 14.78 -29.71
CA GLY A 276 3.05 14.14 -30.70
C GLY A 276 3.35 12.68 -30.54
N PHE A 277 2.69 12.02 -29.60
CA PHE A 277 2.98 10.60 -29.34
C PHE A 277 2.09 9.62 -30.11
N GLY A 278 1.30 10.10 -31.05
CA GLY A 278 0.34 9.21 -31.70
C GLY A 278 0.92 8.01 -32.43
N GLU A 279 2.14 8.13 -32.98
CA GLU A 279 2.75 7.00 -33.65
C GLU A 279 3.66 6.12 -32.80
N SER A 280 3.80 6.58 -31.57
CA SER A 280 4.47 5.84 -30.49
C SER A 280 3.54 4.75 -29.95
N SER A 281 4.12 3.80 -29.20
CA SER A 281 3.28 2.83 -28.51
C SER A 281 2.52 3.46 -27.33
N TYR A 282 1.42 2.79 -26.97
CA TYR A 282 0.46 3.17 -25.91
C TYR A 282 1.20 3.64 -24.68
N TYR A 283 2.21 2.95 -24.25
CA TYR A 283 2.79 3.22 -22.96
C TYR A 283 3.55 4.51 -22.86
N SER A 284 3.86 5.20 -24.01
CA SER A 284 4.44 6.50 -24.07
C SER A 284 3.62 7.53 -23.27
N VAL A 285 2.38 7.25 -23.05
CA VAL A 285 1.52 8.17 -22.28
C VAL A 285 2.11 8.43 -20.90
N ILE A 286 2.84 7.45 -20.32
CA ILE A 286 3.48 7.68 -19.02
C ILE A 286 4.36 8.91 -19.01
N GLU A 287 4.86 9.28 -20.19
CA GLU A 287 5.81 10.33 -20.23
C GLU A 287 5.15 11.69 -20.05
N LEU A 288 3.86 11.74 -20.21
CA LEU A 288 3.07 12.97 -19.84
C LEU A 288 3.08 13.19 -18.37
N TRP A 289 3.34 12.15 -17.57
CA TRP A 289 3.09 12.21 -16.13
C TRP A 289 4.33 12.39 -15.27
N ARG A 290 5.49 12.54 -15.88
CA ARG A 290 6.72 12.75 -15.11
C ARG A 290 7.76 13.56 -15.90
#